data_8EQN
#
_entry.id   8EQN
#
_entity_poly.entity_id   1
_entity_poly.type   'polypeptide(L)'
_entity_poly.pdbx_seq_one_letter_code
;MDAMKRGLCCVLLLCGAVFVSPSQEIHARFRRGARSRAENLWVTVYYGVPVWKDAETTLFCASDAKAYDTEKHNVWATHA
CVPTDPNPQEIHLENVTEEFNMWKNNMVEQMHTDIISLWDQSLKPCVKLTPLCVTLQCTNVTNNITDDMRGELKNCSFNM
TTELRDKKQKVYSLFYRLDVVQINENQGNRSNNSNKEYRLINCNTSAITQACPKVSFEPIPIHYCAPAGFAILKCKDKKF
NGTGPCPSVSTVQCTHGIKPVVSTQLLLNGSLAEEEVMIRSENITNNAKNILVQFNTPVQINCTRPNNNTRKSIRIGPGQ
AFYATGDIIGDIRQAHCNVSKATWNETLGKVVKQLRKHFGNNTIIRFANSSGGDLEVTTHSFNCGGEFFYCNTSGLFNST
WISNTSVQGSNSTGSNDSITLPCRIKQIINMWQRIGQAMYAPPIQGVIRCVSNITGLILTRDGGSTNSTTETFRPGGGDM
RDNWRSELYKYKVVKIEPLGVAPTRCKRRVVGGGGGSGGGGSAVGIGAVFLGFLGAAGSTMGAASMTLTVQARNLLSGNP
DWLPDMTVWGIKQLQARVLAVERYLRDQQLLGIWGCSGKLICCTNVPWNSSWSNRNLSEIWDNMTWLQWDKEISNYTQII
YGLLEESQNQQEKNEQDLLALDASGAAAKPATTEGEFPETREKMSGIRRAIAKAMVHSKHTAPHVTLMDEADVTKLVAHR
KKFKAIAAEKGIKLTFLPYVVKALVSALREYPVLNTSIDDETEEIIQKHYYNIGIAADTDRGLLVPVIKHADRKPIFALA
QEINELAEKARDGKLTPGEMKGASCTITNIGSAGGQWFTPVINHPEVAILGIGRIAEKPIVRDGEIVAAPMLALSLSFDH
RMIDGATAQKALNHIKRLLSDPELLLMGGGGSFSEEQKKALDLAFYFDRRLTPEWRRYLSQRLGLNEEQIERWFRRKEQQ
IGWSHPQFEKGSAKFVAAWTLKAAA
;
_entity_poly.pdbx_strand_id   A
#
# COMPACT_ATOMS: atom_id res chain seq x y z
N GLY A 675 39.08 -8.32 -22.40
CA GLY A 675 39.84 -9.50 -22.77
C GLY A 675 39.27 -10.73 -22.08
N GLU A 676 39.09 -10.59 -20.77
CA GLU A 676 38.53 -11.64 -19.92
C GLU A 676 37.72 -10.96 -18.85
N PHE A 677 36.74 -11.67 -18.30
CA PHE A 677 35.83 -11.12 -17.32
C PHE A 677 35.44 -9.70 -17.74
N PRO A 678 34.80 -9.52 -18.90
CA PRO A 678 34.53 -8.22 -19.46
C PRO A 678 33.58 -7.46 -18.60
N GLU A 679 33.73 -6.14 -18.58
CA GLU A 679 32.81 -5.25 -17.88
C GLU A 679 32.51 -4.02 -18.72
N THR A 680 31.28 -3.54 -18.66
CA THR A 680 30.88 -2.31 -19.34
C THR A 680 30.60 -1.19 -18.36
N ARG A 681 31.17 -0.03 -18.61
CA ARG A 681 30.94 1.13 -17.75
C ARG A 681 29.84 2.02 -18.31
N GLU A 682 28.97 2.50 -17.43
CA GLU A 682 27.87 3.40 -17.75
C GLU A 682 27.78 4.54 -16.71
N LYS A 683 27.18 5.66 -17.12
CA LYS A 683 27.02 6.81 -16.26
C LYS A 683 25.71 6.81 -15.45
N MET A 684 25.84 7.11 -14.17
CA MET A 684 24.74 7.16 -13.22
C MET A 684 23.81 8.37 -13.42
N SER A 685 24.28 9.40 -14.12
CA SER A 685 23.55 10.66 -14.23
C SER A 685 22.21 10.64 -14.96
N GLY A 686 21.94 9.66 -15.83
CA GLY A 686 20.66 9.67 -16.55
C GLY A 686 19.44 9.57 -15.62
N ILE A 687 19.30 8.43 -14.95
CA ILE A 687 18.19 8.25 -13.99
C ILE A 687 18.64 7.80 -12.61
N ARG A 688 19.74 7.06 -12.56
CA ARG A 688 20.15 6.38 -11.34
C ARG A 688 20.53 7.38 -10.26
N ARG A 689 21.14 8.49 -10.65
CA ARG A 689 21.54 9.50 -9.70
C ARG A 689 20.33 10.11 -9.02
N ALA A 690 19.26 10.32 -9.80
CA ALA A 690 18.05 10.90 -9.25
C ALA A 690 17.39 9.96 -8.25
N ILE A 691 17.40 8.68 -8.58
CA ILE A 691 16.80 7.72 -7.69
C ILE A 691 17.62 7.63 -6.44
N ALA A 692 18.93 7.54 -6.59
CA ALA A 692 19.78 7.43 -5.43
C ALA A 692 19.67 8.66 -4.57
N LYS A 693 19.56 9.86 -5.15
CA LYS A 693 19.47 11.04 -4.31
C LYS A 693 18.33 10.93 -3.32
N ALA A 694 17.19 10.38 -3.74
CA ALA A 694 16.11 10.22 -2.79
C ALA A 694 16.34 9.03 -1.84
N MET A 695 16.85 7.92 -2.37
CA MET A 695 17.02 6.71 -1.56
C MET A 695 18.07 6.87 -0.47
N VAL A 696 19.09 7.66 -0.74
CA VAL A 696 20.17 7.86 0.23
C VAL A 696 19.72 8.73 1.40
N HIS A 697 18.56 9.36 1.31
CA HIS A 697 18.03 10.12 2.41
C HIS A 697 17.09 9.21 3.20
N SER A 698 16.27 8.46 2.47
CA SER A 698 15.29 7.61 3.13
C SER A 698 15.98 6.57 4.00
N LYS A 699 17.15 6.07 3.57
CA LYS A 699 17.88 5.03 4.29
C LYS A 699 18.29 5.39 5.71
N HIS A 700 18.41 6.67 6.05
CA HIS A 700 18.82 6.99 7.40
C HIS A 700 17.85 7.95 8.03
N THR A 701 16.63 7.98 7.52
CA THR A 701 15.61 8.84 8.08
C THR A 701 15.17 8.42 9.47
N ALA A 702 14.99 7.12 9.67
CA ALA A 702 14.49 6.62 10.93
C ALA A 702 14.79 5.14 11.03
N PRO A 703 14.81 4.54 12.21
CA PRO A 703 14.80 3.11 12.34
C PRO A 703 13.43 2.70 11.87
N HIS A 704 13.36 1.64 11.09
CA HIS A 704 12.11 1.15 10.57
C HIS A 704 11.87 -0.23 11.08
N VAL A 705 10.63 -0.51 11.38
CA VAL A 705 10.24 -1.83 11.85
C VAL A 705 9.18 -2.43 10.98
N THR A 706 9.34 -3.68 10.57
CA THR A 706 8.30 -4.26 9.73
C THR A 706 7.58 -5.36 10.46
N LEU A 707 6.28 -5.43 10.27
CA LEU A 707 5.49 -6.49 10.87
C LEU A 707 4.99 -7.42 9.79
N MET A 708 5.38 -8.68 9.84
CA MET A 708 4.93 -9.60 8.83
C MET A 708 3.79 -10.45 9.35
N ASP A 709 2.69 -10.49 8.62
CA ASP A 709 1.54 -11.24 9.10
C ASP A 709 0.69 -11.73 7.93
N GLU A 710 -0.41 -12.44 8.20
CA GLU A 710 -1.30 -12.94 7.13
C GLU A 710 -2.78 -12.79 7.39
N ALA A 711 -3.53 -12.45 6.35
CA ALA A 711 -4.97 -12.37 6.51
C ALA A 711 -5.69 -13.47 5.76
N ASP A 712 -6.76 -13.98 6.35
CA ASP A 712 -7.65 -14.94 5.70
C ASP A 712 -8.61 -14.15 4.85
N VAL A 713 -8.52 -14.32 3.56
CA VAL A 713 -9.30 -13.50 2.67
C VAL A 713 -10.36 -14.29 1.93
N THR A 714 -10.78 -15.42 2.47
CA THR A 714 -11.78 -16.22 1.78
C THR A 714 -13.02 -15.44 1.36
N LYS A 715 -13.55 -14.61 2.27
CA LYS A 715 -14.74 -13.84 1.94
C LYS A 715 -14.45 -12.73 0.96
N LEU A 716 -13.25 -12.20 0.99
CA LEU A 716 -12.87 -11.12 0.11
C LEU A 716 -12.81 -11.63 -1.28
N VAL A 717 -12.27 -12.81 -1.44
CA VAL A 717 -12.16 -13.36 -2.76
C VAL A 717 -13.53 -13.63 -3.29
N ALA A 718 -14.38 -14.24 -2.48
CA ALA A 718 -15.72 -14.52 -2.94
C ALA A 718 -16.50 -13.25 -3.27
N HIS A 719 -16.32 -12.20 -2.49
CA HIS A 719 -17.03 -10.98 -2.75
C HIS A 719 -16.58 -10.32 -4.04
N ARG A 720 -15.27 -10.23 -4.25
CA ARG A 720 -14.82 -9.60 -5.46
C ARG A 720 -15.33 -10.39 -6.63
N LYS A 721 -15.29 -11.71 -6.55
CA LYS A 721 -15.76 -12.53 -7.65
C LYS A 721 -17.20 -12.23 -7.98
N LYS A 722 -18.04 -12.14 -6.95
CA LYS A 722 -19.45 -11.89 -7.16
C LYS A 722 -19.73 -10.65 -7.99
N PHE A 723 -18.95 -9.61 -7.78
CA PHE A 723 -19.15 -8.37 -8.50
C PHE A 723 -18.24 -8.15 -9.68
N LYS A 724 -17.49 -9.16 -10.07
CA LYS A 724 -16.58 -9.02 -11.18
C LYS A 724 -17.32 -8.72 -12.47
N ALA A 725 -18.41 -9.45 -12.73
CA ALA A 725 -19.14 -9.24 -13.97
C ALA A 725 -19.75 -7.87 -14.05
N ILE A 726 -20.24 -7.38 -12.93
CA ILE A 726 -20.87 -6.09 -12.87
C ILE A 726 -19.87 -5.03 -13.18
N ALA A 727 -18.70 -5.14 -12.57
CA ALA A 727 -17.71 -4.16 -12.83
C ALA A 727 -17.36 -4.18 -14.30
N ALA A 728 -17.26 -5.36 -14.90
CA ALA A 728 -16.88 -5.44 -16.29
C ALA A 728 -17.88 -4.72 -17.18
N GLU A 729 -19.17 -4.85 -16.87
CA GLU A 729 -20.21 -4.21 -17.65
C GLU A 729 -20.07 -2.70 -17.62
N LYS A 730 -19.60 -2.17 -16.50
CA LYS A 730 -19.43 -0.75 -16.33
C LYS A 730 -18.08 -0.25 -16.84
N GLY A 731 -17.23 -1.15 -17.35
CA GLY A 731 -15.90 -0.80 -17.82
C GLY A 731 -14.89 -0.70 -16.68
N ILE A 732 -15.17 -1.35 -15.56
CA ILE A 732 -14.33 -1.31 -14.40
C ILE A 732 -13.69 -2.65 -14.13
N LYS A 733 -12.39 -2.66 -13.97
CA LYS A 733 -11.75 -3.92 -13.61
C LYS A 733 -11.51 -3.99 -12.11
N LEU A 734 -12.08 -4.98 -11.44
CA LEU A 734 -11.85 -5.08 -10.01
C LEU A 734 -10.62 -5.89 -9.74
N THR A 735 -9.89 -5.43 -8.76
CA THR A 735 -8.71 -6.05 -8.23
C THR A 735 -8.96 -6.00 -6.76
N PHE A 736 -8.07 -6.50 -5.93
CA PHE A 736 -8.36 -6.43 -4.51
C PHE A 736 -7.97 -5.11 -3.91
N LEU A 737 -7.15 -4.36 -4.62
CA LEU A 737 -6.64 -3.13 -4.07
C LEU A 737 -7.72 -2.18 -3.54
N PRO A 738 -8.87 -1.93 -4.18
CA PRO A 738 -9.89 -1.03 -3.67
C PRO A 738 -10.36 -1.41 -2.29
N TYR A 739 -10.26 -2.69 -1.92
CA TYR A 739 -10.72 -3.11 -0.61
C TYR A 739 -9.64 -2.80 0.37
N VAL A 740 -8.41 -2.91 -0.09
CA VAL A 740 -7.29 -2.63 0.75
C VAL A 740 -7.30 -1.16 1.05
N VAL A 741 -7.62 -0.35 0.05
CA VAL A 741 -7.66 1.07 0.25
C VAL A 741 -8.74 1.40 1.27
N LYS A 742 -9.91 0.79 1.18
CA LYS A 742 -10.91 1.10 2.18
C LYS A 742 -10.48 0.63 3.57
N ALA A 743 -9.86 -0.55 3.67
CA ALA A 743 -9.44 -1.04 4.96
C ALA A 743 -8.40 -0.12 5.57
N LEU A 744 -7.51 0.42 4.73
CA LEU A 744 -6.52 1.31 5.25
C LEU A 744 -7.16 2.60 5.74
N VAL A 745 -8.13 3.13 5.00
CA VAL A 745 -8.75 4.36 5.49
C VAL A 745 -9.33 4.10 6.84
N SER A 746 -9.99 2.97 7.01
CA SER A 746 -10.59 2.72 8.29
C SER A 746 -9.53 2.68 9.38
N ALA A 747 -8.39 2.01 9.14
CA ALA A 747 -7.33 1.97 10.14
C ALA A 747 -6.78 3.33 10.44
N LEU A 748 -6.67 4.16 9.42
CA LEU A 748 -6.12 5.49 9.59
C LEU A 748 -7.03 6.29 10.50
N ARG A 749 -8.32 6.07 10.39
CA ARG A 749 -9.26 6.78 11.22
C ARG A 749 -9.22 6.28 12.67
N GLU A 750 -9.20 4.96 12.87
CA GLU A 750 -9.18 4.41 14.22
C GLU A 750 -7.87 4.69 14.96
N TYR A 751 -6.76 4.68 14.25
CA TYR A 751 -5.44 4.89 14.82
C TYR A 751 -4.80 6.10 14.14
N PRO A 752 -5.20 7.33 14.51
CA PRO A 752 -4.91 8.59 13.86
C PRO A 752 -3.45 8.96 13.81
N VAL A 753 -2.63 8.29 14.60
CA VAL A 753 -1.21 8.54 14.57
C VAL A 753 -0.66 8.23 13.18
N LEU A 754 -1.33 7.35 12.46
CA LEU A 754 -0.90 6.95 11.16
C LEU A 754 -1.07 8.04 10.12
N ASN A 755 -1.84 9.08 10.44
CA ASN A 755 -2.05 10.17 9.52
C ASN A 755 -1.07 11.27 9.79
N THR A 756 -0.13 11.04 10.68
CA THR A 756 0.81 12.07 10.98
C THR A 756 2.01 12.02 10.07
N SER A 757 2.74 13.11 10.10
CA SER A 757 3.99 13.25 9.41
C SER A 757 4.93 14.05 10.26
N ILE A 758 6.20 13.88 9.99
CA ILE A 758 7.18 14.61 10.75
C ILE A 758 8.23 15.28 9.90
N ASP A 759 8.48 16.55 10.17
CA ASP A 759 9.59 17.22 9.50
C ASP A 759 10.72 17.25 10.53
N ASP A 760 11.87 17.81 10.19
CA ASP A 760 13.00 17.77 11.12
C ASP A 760 13.08 18.85 12.20
N GLU A 761 12.28 19.90 12.12
CA GLU A 761 12.35 20.93 13.16
C GLU A 761 11.46 20.48 14.31
N THR A 762 11.67 21.03 15.49
CA THR A 762 10.91 20.58 16.65
C THR A 762 9.39 20.80 16.52
N GLU A 763 8.96 21.95 16.04
CA GLU A 763 7.52 22.20 15.98
C GLU A 763 6.94 21.75 14.65
N GLU A 764 7.19 20.47 14.33
CA GLU A 764 6.81 19.87 13.07
C GLU A 764 6.08 18.54 13.16
N ILE A 765 5.24 18.33 14.16
CA ILE A 765 4.45 17.12 14.17
C ILE A 765 3.15 17.49 13.56
N ILE A 766 2.85 16.91 12.43
CA ILE A 766 1.67 17.32 11.73
C ILE A 766 0.65 16.23 11.69
N GLN A 767 -0.58 16.54 12.06
CA GLN A 767 -1.62 15.55 11.96
C GLN A 767 -2.62 15.91 10.89
N LYS A 768 -2.79 15.03 9.93
CA LYS A 768 -3.72 15.28 8.84
C LYS A 768 -5.13 14.92 9.28
N HIS A 769 -6.12 15.60 8.70
CA HIS A 769 -7.51 15.31 8.98
C HIS A 769 -8.25 14.96 7.70
N TYR A 770 -7.59 14.20 6.86
CA TYR A 770 -8.09 13.77 5.58
C TYR A 770 -7.46 12.45 5.21
N TYR A 771 -8.02 11.76 4.23
CA TYR A 771 -7.47 10.45 3.90
C TYR A 771 -7.01 10.29 2.46
N ASN A 772 -5.78 10.71 2.22
CA ASN A 772 -5.19 10.65 0.90
C ASN A 772 -4.25 9.47 0.81
N ILE A 773 -4.56 8.52 -0.05
CA ILE A 773 -3.75 7.31 -0.13
C ILE A 773 -2.97 7.15 -1.41
N GLY A 774 -1.67 7.00 -1.26
CA GLY A 774 -0.82 6.82 -2.40
C GLY A 774 -0.77 5.38 -2.83
N ILE A 775 -0.69 5.16 -4.12
CA ILE A 775 -0.51 3.81 -4.62
C ILE A 775 0.77 3.74 -5.37
N ALA A 776 1.72 2.99 -4.89
CA ALA A 776 3.00 3.00 -5.55
C ALA A 776 2.99 2.19 -6.82
N ALA A 777 3.80 2.60 -7.79
CA ALA A 777 3.99 1.82 -9.00
C ALA A 777 5.44 1.87 -9.47
N ASP A 778 5.94 0.71 -9.87
CA ASP A 778 7.29 0.59 -10.42
C ASP A 778 7.20 0.75 -11.92
N THR A 779 7.78 1.81 -12.45
CA THR A 779 7.69 2.12 -13.87
C THR A 779 9.08 2.33 -14.43
N ASP A 780 9.16 2.63 -15.71
CA ASP A 780 10.44 2.82 -16.38
C ASP A 780 11.06 4.17 -16.02
N ARG A 781 10.30 4.97 -15.29
CA ARG A 781 10.69 6.29 -14.85
C ARG A 781 11.02 6.25 -13.36
N GLY A 782 11.10 5.06 -12.79
CA GLY A 782 11.37 4.93 -11.37
C GLY A 782 10.07 4.74 -10.61
N LEU A 783 10.09 5.07 -9.32
CA LEU A 783 8.94 4.78 -8.48
C LEU A 783 8.06 6.00 -8.35
N LEU A 784 6.85 5.83 -8.83
CA LEU A 784 5.86 6.89 -8.88
C LEU A 784 4.78 6.58 -7.87
N VAL A 785 4.22 7.62 -7.25
CA VAL A 785 3.11 7.37 -6.35
C VAL A 785 1.93 8.31 -6.56
N PRO A 786 0.99 8.00 -7.46
CA PRO A 786 -0.24 8.73 -7.65
C PRO A 786 -1.02 8.69 -6.36
N VAL A 787 -1.75 9.74 -6.05
CA VAL A 787 -2.52 9.78 -4.82
C VAL A 787 -4.01 9.93 -4.99
N ILE A 788 -4.77 9.06 -4.32
CA ILE A 788 -6.22 9.19 -4.37
C ILE A 788 -6.64 10.04 -3.23
N LYS A 789 -7.14 11.21 -3.55
CA LYS A 789 -7.48 12.16 -2.54
C LYS A 789 -8.88 11.92 -2.07
N HIS A 790 -9.13 12.18 -0.81
CA HIS A 790 -10.45 11.98 -0.24
C HIS A 790 -10.93 10.56 -0.52
N ALA A 791 -10.09 9.59 -0.21
CA ALA A 791 -10.43 8.19 -0.45
C ALA A 791 -11.58 7.78 0.46
N ASP A 792 -11.79 8.54 1.52
CA ASP A 792 -12.81 8.23 2.48
C ASP A 792 -14.21 8.47 1.94
N ARG A 793 -14.34 9.20 0.84
CA ARG A 793 -15.66 9.48 0.33
C ARG A 793 -15.96 8.69 -0.92
N LYS A 794 -15.15 7.68 -1.24
CA LYS A 794 -15.45 6.94 -2.45
C LYS A 794 -15.92 5.50 -2.17
N PRO A 795 -16.84 4.96 -2.98
CA PRO A 795 -17.28 3.58 -3.02
C PRO A 795 -16.27 2.68 -3.73
N ILE A 796 -16.45 1.37 -3.63
CA ILE A 796 -15.54 0.45 -4.30
C ILE A 796 -15.50 0.59 -5.79
N PHE A 797 -16.64 0.72 -6.46
CA PHE A 797 -16.49 0.80 -7.91
C PHE A 797 -15.75 2.06 -8.30
N ALA A 798 -16.03 3.17 -7.63
CA ALA A 798 -15.35 4.40 -7.96
C ALA A 798 -13.87 4.30 -7.73
N LEU A 799 -13.46 3.65 -6.64
CA LEU A 799 -12.04 3.53 -6.43
C LEU A 799 -11.45 2.68 -7.49
N ALA A 800 -12.11 1.59 -7.86
CA ALA A 800 -11.50 0.75 -8.86
C ALA A 800 -11.28 1.53 -10.13
N GLN A 801 -12.23 2.39 -10.49
CA GLN A 801 -12.04 3.15 -11.68
C GLN A 801 -10.90 4.16 -11.54
N GLU A 802 -10.83 4.85 -10.40
CA GLU A 802 -9.77 5.84 -10.24
C GLU A 802 -8.41 5.21 -10.20
N ILE A 803 -8.31 4.05 -9.56
CA ILE A 803 -7.07 3.35 -9.44
C ILE A 803 -6.58 2.95 -10.79
N ASN A 804 -7.46 2.41 -11.61
CA ASN A 804 -7.02 1.99 -12.92
C ASN A 804 -6.59 3.19 -13.75
N GLU A 805 -7.27 4.33 -13.62
CA GLU A 805 -6.87 5.48 -14.38
C GLU A 805 -5.53 6.01 -13.93
N LEU A 806 -5.29 6.04 -12.63
CA LEU A 806 -4.03 6.55 -12.15
C LEU A 806 -2.92 5.62 -12.56
N ALA A 807 -3.17 4.32 -12.56
CA ALA A 807 -2.15 3.38 -12.94
C ALA A 807 -1.74 3.61 -14.38
N GLU A 808 -2.70 3.88 -15.26
CA GLU A 808 -2.35 4.12 -16.65
C GLU A 808 -1.59 5.41 -16.81
N LYS A 809 -1.97 6.44 -16.07
CA LYS A 809 -1.28 7.70 -16.18
C LYS A 809 0.15 7.53 -15.67
N ALA A 810 0.32 6.78 -14.60
CA ALA A 810 1.66 6.58 -14.11
C ALA A 810 2.50 5.83 -15.12
N ARG A 811 1.90 4.81 -15.75
CA ARG A 811 2.65 3.99 -16.69
C ARG A 811 3.17 4.78 -17.85
N ASP A 812 2.37 5.71 -18.36
CA ASP A 812 2.78 6.55 -19.47
C ASP A 812 3.45 7.87 -19.10
N GLY A 813 3.64 8.15 -17.81
CA GLY A 813 4.23 9.43 -17.44
C GLY A 813 3.31 10.62 -17.68
N LYS A 814 2.00 10.41 -17.57
CA LYS A 814 1.02 11.45 -17.83
C LYS A 814 0.45 12.09 -16.58
N LEU A 815 1.06 11.80 -15.45
CA LEU A 815 0.60 12.33 -14.18
C LEU A 815 0.93 13.79 -14.05
N THR A 816 0.01 14.53 -13.47
CA THR A 816 0.25 15.92 -13.15
C THR A 816 0.99 15.85 -11.82
N PRO A 817 2.06 16.60 -11.58
CA PRO A 817 2.80 16.58 -10.32
C PRO A 817 1.92 16.74 -9.08
N GLY A 818 0.81 17.45 -9.17
CA GLY A 818 -0.06 17.64 -8.01
C GLY A 818 -0.83 16.36 -7.64
N GLU A 819 -0.78 15.35 -8.52
CA GLU A 819 -1.44 14.07 -8.31
C GLU A 819 -0.51 13.13 -7.60
N MET A 820 0.72 13.55 -7.36
CA MET A 820 1.68 12.69 -6.70
C MET A 820 2.00 13.22 -5.30
N LYS A 821 1.19 14.15 -4.85
CA LYS A 821 1.41 14.82 -3.59
C LYS A 821 0.24 14.73 -2.63
N GLY A 822 0.53 14.89 -1.34
CA GLY A 822 -0.52 14.96 -0.34
C GLY A 822 -0.97 13.66 0.30
N ALA A 823 -0.26 12.56 0.10
CA ALA A 823 -0.71 11.31 0.72
C ALA A 823 -0.48 11.35 2.23
N SER A 824 -1.37 10.72 2.98
CA SER A 824 -1.15 10.54 4.41
C SER A 824 -0.47 9.21 4.61
N CYS A 825 -0.72 8.29 3.68
CA CYS A 825 -0.13 6.96 3.73
C CYS A 825 -0.02 6.39 2.34
N THR A 826 0.88 5.43 2.15
CA THR A 826 1.05 4.75 0.86
C THR A 826 0.92 3.24 0.97
N ILE A 827 0.34 2.64 -0.07
CA ILE A 827 0.22 1.21 -0.23
C ILE A 827 1.12 0.76 -1.37
N THR A 828 1.94 -0.25 -1.12
CA THR A 828 2.80 -0.79 -2.17
C THR A 828 2.45 -2.21 -2.46
N ASN A 829 2.10 -2.45 -3.70
CA ASN A 829 1.78 -3.77 -4.15
C ASN A 829 2.99 -4.44 -4.75
N ILE A 830 3.32 -5.63 -4.27
CA ILE A 830 4.41 -6.35 -4.85
C ILE A 830 3.77 -7.56 -5.37
N GLY A 831 2.60 -7.83 -4.81
CA GLY A 831 1.83 -9.02 -5.11
C GLY A 831 1.57 -9.25 -6.59
N SER A 832 1.47 -8.21 -7.40
CA SER A 832 1.24 -8.40 -8.82
C SER A 832 2.41 -9.12 -9.49
N ALA A 833 3.58 -9.11 -8.85
CA ALA A 833 4.78 -9.77 -9.35
C ALA A 833 5.04 -11.05 -8.57
N GLY A 834 4.13 -11.43 -7.68
CA GLY A 834 4.32 -12.56 -6.79
C GLY A 834 5.03 -12.04 -5.55
N GLY A 835 5.41 -12.90 -4.63
CA GLY A 835 6.08 -12.43 -3.44
C GLY A 835 5.24 -12.35 -2.20
N GLN A 836 5.93 -12.42 -1.09
CA GLN A 836 5.36 -12.36 0.22
C GLN A 836 6.26 -11.52 1.07
N TRP A 837 5.72 -10.93 2.09
CA TRP A 837 6.56 -10.34 3.11
C TRP A 837 7.81 -9.63 2.66
N PHE A 838 7.66 -8.50 2.04
CA PHE A 838 8.81 -7.76 1.65
C PHE A 838 8.96 -6.69 2.70
N THR A 839 9.96 -5.85 2.60
CA THR A 839 10.21 -4.87 3.62
C THR A 839 10.24 -3.49 3.02
N PRO A 840 9.10 -2.87 2.75
CA PRO A 840 8.99 -1.63 2.03
C PRO A 840 9.63 -0.51 2.79
N VAL A 841 10.13 0.45 2.04
CA VAL A 841 10.73 1.65 2.59
C VAL A 841 9.64 2.67 2.76
N ILE A 842 9.59 3.26 3.94
CA ILE A 842 8.58 4.25 4.23
C ILE A 842 8.99 5.48 3.51
N ASN A 843 8.09 6.06 2.74
CA ASN A 843 8.48 7.26 2.07
C ASN A 843 8.74 8.21 3.20
N HIS A 844 9.94 8.76 3.25
CA HIS A 844 10.35 9.54 4.41
C HIS A 844 9.43 10.60 5.01
N PRO A 845 8.58 11.37 4.27
CA PRO A 845 7.72 12.36 4.86
C PRO A 845 6.59 11.77 5.70
N GLU A 846 6.30 10.47 5.55
CA GLU A 846 5.19 9.84 6.23
C GLU A 846 5.69 8.94 7.35
N VAL A 847 4.77 8.33 8.09
CA VAL A 847 5.17 7.46 9.18
C VAL A 847 4.95 5.98 8.93
N ALA A 848 4.22 5.63 7.89
CA ALA A 848 4.03 4.21 7.63
C ALA A 848 3.71 3.93 6.17
N ILE A 849 4.06 2.72 5.75
CA ILE A 849 3.72 2.21 4.43
C ILE A 849 3.18 0.79 4.53
N LEU A 850 2.14 0.47 3.80
CA LEU A 850 1.59 -0.88 3.85
C LEU A 850 1.92 -1.68 2.62
N GLY A 851 2.63 -2.79 2.77
CA GLY A 851 2.96 -3.62 1.62
C GLY A 851 1.95 -4.74 1.45
N ILE A 852 1.59 -5.01 0.21
CA ILE A 852 0.66 -6.07 -0.13
C ILE A 852 1.29 -7.13 -1.00
N GLY A 853 1.26 -8.37 -0.52
CA GLY A 853 1.83 -9.48 -1.24
C GLY A 853 0.77 -10.19 -2.05
N ARG A 854 1.10 -11.38 -2.48
CA ARG A 854 0.21 -12.18 -3.28
C ARG A 854 -0.83 -12.85 -2.43
N ILE A 855 -1.87 -13.31 -3.10
CA ILE A 855 -2.88 -14.14 -2.46
C ILE A 855 -2.72 -15.56 -2.95
N ALA A 856 -2.62 -16.49 -2.03
CA ALA A 856 -2.48 -17.88 -2.40
C ALA A 856 -3.06 -18.76 -1.36
N GLU A 857 -3.58 -19.91 -1.75
CA GLU A 857 -4.10 -20.84 -0.78
C GLU A 857 -3.03 -21.49 0.00
N LYS A 858 -3.26 -21.63 1.28
CA LYS A 858 -2.38 -22.36 2.14
C LYS A 858 -3.23 -23.18 3.05
N PRO A 859 -2.79 -24.33 3.54
CA PRO A 859 -3.48 -25.03 4.57
C PRO A 859 -3.51 -24.13 5.77
N ILE A 860 -4.65 -24.04 6.38
CA ILE A 860 -4.84 -23.30 7.60
C ILE A 860 -5.61 -24.16 8.53
N VAL A 861 -5.62 -23.82 9.80
CA VAL A 861 -6.52 -24.56 10.64
C VAL A 861 -7.60 -23.60 10.99
N ARG A 862 -8.80 -24.05 10.74
CA ARG A 862 -9.99 -23.29 10.97
C ARG A 862 -10.83 -24.10 11.90
N ASP A 863 -11.17 -23.53 13.03
CA ASP A 863 -11.91 -24.28 14.01
C ASP A 863 -11.15 -25.58 14.29
N GLY A 864 -11.78 -26.73 14.08
CA GLY A 864 -11.13 -28.00 14.36
C GLY A 864 -10.61 -28.74 13.12
N GLU A 865 -10.60 -28.09 11.96
CA GLU A 865 -10.22 -28.77 10.73
C GLU A 865 -9.11 -28.12 9.95
N ILE A 866 -8.36 -28.93 9.22
CA ILE A 866 -7.35 -28.37 8.36
C ILE A 866 -7.93 -28.29 6.97
N VAL A 867 -8.03 -27.06 6.51
CA VAL A 867 -8.66 -26.71 5.26
C VAL A 867 -7.73 -25.82 4.50
N ALA A 868 -7.94 -25.64 3.20
CA ALA A 868 -7.08 -24.66 2.54
C ALA A 868 -7.89 -23.41 2.31
N ALA A 869 -7.23 -22.28 2.36
CA ALA A 869 -7.91 -21.03 2.09
C ALA A 869 -6.93 -20.02 1.61
N PRO A 870 -7.32 -19.08 0.75
CA PRO A 870 -6.47 -18.03 0.27
C PRO A 870 -6.07 -17.14 1.39
N MET A 871 -4.79 -16.84 1.43
CA MET A 871 -4.24 -15.97 2.44
C MET A 871 -3.54 -14.84 1.77
N LEU A 872 -3.62 -13.67 2.36
CA LEU A 872 -2.91 -12.53 1.85
C LEU A 872 -1.71 -12.18 2.70
N ALA A 873 -0.54 -12.14 2.09
CA ALA A 873 0.64 -11.78 2.88
C ALA A 873 0.70 -10.27 3.08
N LEU A 874 0.80 -9.84 4.33
CA LEU A 874 0.86 -8.41 4.61
C LEU A 874 2.18 -8.02 5.23
N SER A 875 2.67 -6.83 4.88
CA SER A 875 3.87 -6.33 5.53
C SER A 875 3.76 -4.87 5.88
N LEU A 876 3.67 -4.56 7.16
CA LEU A 876 3.50 -3.17 7.56
C LEU A 876 4.77 -2.56 8.07
N SER A 877 5.20 -1.47 7.47
CA SER A 877 6.44 -0.83 7.88
C SER A 877 6.18 0.52 8.50
N PHE A 878 6.74 0.73 9.68
CA PHE A 878 6.51 2.00 10.37
C PHE A 878 7.76 2.62 10.99
N ASP A 879 7.68 3.93 11.18
CA ASP A 879 8.72 4.76 11.77
C ASP A 879 8.67 4.70 13.29
N HIS A 880 9.69 4.07 13.84
CA HIS A 880 9.77 3.74 15.26
C HIS A 880 9.82 4.97 16.15
N ARG A 881 10.18 6.13 15.58
CA ARG A 881 10.29 7.34 16.39
C ARG A 881 8.92 7.86 16.79
N MET A 882 7.87 7.41 16.11
CA MET A 882 6.55 7.90 16.42
C MET A 882 5.54 6.81 16.77
N ILE A 883 5.64 5.68 16.11
CA ILE A 883 4.66 4.64 16.31
C ILE A 883 5.31 3.44 16.95
N ASP A 884 4.78 2.98 18.07
CA ASP A 884 5.38 1.83 18.71
C ASP A 884 4.85 0.51 18.16
N GLY A 885 5.39 -0.58 18.70
CA GLY A 885 5.03 -1.91 18.25
C GLY A 885 3.58 -2.22 18.47
N ALA A 886 3.09 -2.03 19.68
CA ALA A 886 1.71 -2.36 19.92
C ALA A 886 0.76 -1.56 19.06
N THR A 887 1.02 -0.28 18.84
CA THR A 887 0.09 0.48 18.04
C THR A 887 0.08 0.02 16.62
N ALA A 888 1.24 -0.22 16.05
CA ALA A 888 1.28 -0.64 14.68
C ALA A 888 0.60 -1.99 14.52
N GLN A 889 0.79 -2.90 15.48
CA GLN A 889 0.15 -4.17 15.33
C GLN A 889 -1.34 -4.03 15.45
N LYS A 890 -1.82 -3.17 16.33
CA LYS A 890 -3.26 -3.01 16.45
C LYS A 890 -3.85 -2.48 15.16
N ALA A 891 -3.15 -1.55 14.52
CA ALA A 891 -3.63 -1.03 13.26
C ALA A 891 -3.68 -2.13 12.24
N LEU A 892 -2.69 -3.00 12.27
CA LEU A 892 -2.66 -4.08 11.32
C LEU A 892 -3.79 -5.05 11.61
N ASN A 893 -4.07 -5.29 12.88
CA ASN A 893 -5.12 -6.22 13.23
C ASN A 893 -6.46 -5.70 12.73
N HIS A 894 -6.63 -4.38 12.78
CA HIS A 894 -7.84 -3.75 12.30
C HIS A 894 -8.00 -4.06 10.83
N ILE A 895 -6.93 -3.88 10.07
CA ILE A 895 -6.98 -4.13 8.66
C ILE A 895 -7.27 -5.59 8.38
N LYS A 896 -6.61 -6.50 9.09
CA LYS A 896 -6.84 -7.90 8.86
C LYS A 896 -8.29 -8.27 9.07
N ARG A 897 -8.92 -7.74 10.14
CA ARG A 897 -10.30 -8.07 10.40
C ARG A 897 -11.22 -7.56 9.33
N LEU A 898 -10.97 -6.37 8.82
CA LEU A 898 -11.84 -5.89 7.80
C LEU A 898 -11.67 -6.60 6.48
N LEU A 899 -10.45 -6.96 6.10
CA LEU A 899 -10.28 -7.61 4.82
C LEU A 899 -10.90 -8.97 4.81
N SER A 900 -10.91 -9.64 5.95
CA SER A 900 -11.50 -10.96 6.04
C SER A 900 -13.02 -10.93 5.92
N ASP A 901 -13.67 -9.74 6.03
CA ASP A 901 -15.13 -9.66 5.93
C ASP A 901 -15.60 -8.32 5.32
N PRO A 902 -15.62 -8.23 3.98
CA PRO A 902 -15.91 -7.05 3.18
C PRO A 902 -17.23 -6.40 3.47
N GLU A 903 -18.21 -7.12 3.98
CA GLU A 903 -19.49 -6.47 4.19
C GLU A 903 -19.40 -5.46 5.32
N LEU A 904 -18.57 -5.76 6.30
CA LEU A 904 -18.45 -4.88 7.42
C LEU A 904 -17.60 -3.72 6.98
N LEU A 905 -16.68 -4.00 6.09
CA LEU A 905 -15.84 -2.96 5.56
C LEU A 905 -16.64 -1.94 4.78
N LEU A 906 -17.60 -2.40 3.97
CA LEU A 906 -18.42 -1.49 3.20
C LEU A 906 -19.36 -0.60 4.02
N MET A 907 -19.93 -1.13 5.09
CA MET A 907 -20.87 -0.36 5.90
C MET A 907 -20.21 0.64 6.85
#